data_5EQS
#
_entry.id   5EQS
#
_cell.length_a   39.115
_cell.length_b   60.334
_cell.length_c   79.646
_cell.angle_alpha   90.000
_cell.angle_beta   90.000
_cell.angle_gamma   90.000
#
_symmetry.space_group_name_H-M   'P 21 21 21'
#
loop_
_entity.id
_entity.type
_entity.pdbx_description
1 polymer 'NS3 protease'
2 non-polymer N-(tert-butoxycarbonyl)-3-methyl-L-valyl-(4R)-4-[(7-chloro-4-methoxyisoquinolin-1-yl)oxy]-N-{(1R,2S)-1-[(cyclopropylsulfonyl)carbamoyl]-2-ethenylcyclopropyl}-L-prolinamide
3 non-polymer 'ZINC ION'
4 water water
#
_entity_poly.entity_id   1
_entity_poly.type   'polypeptide(L)'
_entity_poly.pdbx_seq_one_letter_code
;KKGSVVIVGRINLSGDTAYAQQTRGEEGCQETSQTGRDKNQVEGEVQIVSTATQTFLATSINGVLWTVYHGAGTRTIASP
KGPVTQMYTNVDKDLVGWQAPQGSRSLTPCTCGSSDLYLVTRHADVIPVRRRGDSTGSLLSPRPLSYLKGSSGGPLLCPA
GHAVGIFRAAVCTRGVAKAVQFIPVESLETTM
;
_entity_poly.pdbx_strand_id   A
#
loop_
_chem_comp.id
_chem_comp.type
_chem_comp.name
_chem_comp.formula
2R9 non-polymer N-(tert-butoxycarbonyl)-3-methyl-L-valyl-(4R)-4-[(7-chloro-4-methoxyisoquinolin-1-yl)oxy]-N-{(1R,2S)-1-[(cyclopropylsulfonyl)carbamoyl]-2-ethenylcyclopropyl}-L-prolinamide 'C35 H46 Cl N5 O9 S'
ZN non-polymer 'ZINC ION' 'Zn 2'
#
# COMPACT_ATOMS: atom_id res chain seq x y z
N LYS A 1 15.20 9.53 17.64
CA LYS A 1 13.77 9.34 17.36
C LYS A 1 13.54 8.22 16.35
N LYS A 2 12.27 7.99 16.03
CA LYS A 2 11.93 7.19 14.87
C LYS A 2 12.21 8.07 13.65
N GLY A 3 12.66 7.46 12.55
CA GLY A 3 12.85 8.19 11.32
C GLY A 3 11.54 8.38 10.58
N SER A 4 11.62 8.97 9.39
CA SER A 4 10.46 8.98 8.49
C SER A 4 10.46 7.75 7.59
N VAL A 5 9.25 7.31 7.24
CA VAL A 5 9.03 6.36 6.19
C VAL A 5 9.62 6.97 4.92
N VAL A 6 10.29 6.15 4.11
CA VAL A 6 10.97 6.63 2.92
C VAL A 6 10.46 5.87 1.70
N ILE A 7 10.01 6.59 0.69
CA ILE A 7 9.71 5.93 -0.60
C ILE A 7 10.96 5.42 -1.29
N VAL A 8 10.99 4.13 -1.59
CA VAL A 8 12.14 3.52 -2.25
C VAL A 8 11.79 2.91 -3.61
N GLY A 9 10.56 3.12 -4.05
CA GLY A 9 10.17 2.66 -5.36
C GLY A 9 8.70 2.87 -5.58
N ARG A 10 8.19 2.39 -6.71
CA ARG A 10 6.79 2.57 -7.03
C ARG A 10 6.28 1.53 -8.02
N ILE A 11 4.95 1.34 -8.00
CA ILE A 11 4.27 0.38 -8.86
C ILE A 11 3.25 1.17 -9.69
N ASN A 12 3.39 1.04 -11.02
CA ASN A 12 2.50 1.69 -11.95
C ASN A 12 1.29 0.80 -12.16
N LEU A 13 0.11 1.39 -12.15
CA LEU A 13 -1.10 0.64 -12.47
C LEU A 13 -1.80 1.27 -13.66
N SER A 14 -1.31 2.41 -14.11
CA SER A 14 -1.86 3.05 -15.29
C SER A 14 -1.54 2.25 -16.55
N GLY A 15 -2.34 2.45 -17.60
CA GLY A 15 -2.08 1.80 -18.87
C GLY A 15 -2.39 0.33 -18.84
N ASP A 16 -1.60 -0.44 -19.58
CA ASP A 16 -1.90 -1.84 -19.83
C ASP A 16 -1.04 -2.78 -18.99
N THR A 17 -0.02 -2.26 -18.33
CA THR A 17 0.99 -3.12 -17.73
C THR A 17 1.39 -2.60 -16.35
N ALA A 18 1.17 -3.45 -15.33
CA ALA A 18 1.66 -3.18 -13.99
C ALA A 18 3.13 -3.55 -13.91
N TYR A 19 3.92 -2.69 -13.29
CA TYR A 19 5.36 -2.88 -13.21
C TYR A 19 5.93 -2.11 -12.04
N ALA A 20 7.06 -2.59 -11.57
CA ALA A 20 7.74 -2.00 -10.42
C ALA A 20 9.03 -1.32 -10.85
N GLN A 21 9.34 -0.20 -10.21
CA GLN A 21 10.58 0.52 -10.45
C GLN A 21 11.20 0.89 -9.13
N GLN A 22 12.44 0.46 -8.92
CA GLN A 22 13.18 0.89 -7.74
C GLN A 22 13.75 2.28 -7.96
N THR A 23 13.58 3.14 -6.97
CA THR A 23 14.01 4.53 -7.10
C THR A 23 15.05 4.99 -6.08
N ARG A 24 15.34 4.19 -5.08
CA ARG A 24 16.26 4.61 -4.05
C ARG A 24 16.79 3.32 -3.44
N GLY A 25 18.10 3.19 -3.26
CA GLY A 25 18.69 2.03 -2.61
C GLY A 25 18.90 2.26 -1.11
N GLU A 26 19.42 1.30 -0.39
CA GLU A 26 19.61 1.44 1.05
C GLU A 26 20.53 2.59 1.43
N GLU A 27 21.46 2.95 0.58
CA GLU A 27 22.37 4.00 0.89
C GLU A 27 21.75 5.42 1.11
N GLY A 28 21.08 5.90 0.08
CA GLY A 28 20.46 7.22 0.13
C GLY A 28 19.46 7.35 1.26
N CYS A 29 18.88 6.21 1.56
CA CYS A 29 17.83 6.08 2.60
C CYS A 29 18.01 6.66 3.99
N GLN A 30 19.14 6.40 4.60
CA GLN A 30 19.41 6.87 5.94
C GLN A 30 19.21 8.34 6.12
N GLU A 31 19.74 9.12 5.18
CA GLU A 31 19.67 10.56 5.32
C GLU A 31 18.24 11.04 5.13
N THR A 32 17.54 10.42 4.18
CA THR A 32 16.14 10.76 3.93
C THR A 32 15.27 10.44 5.17
N SER A 33 15.52 9.29 5.78
CA SER A 33 14.83 8.92 7.01
C SER A 33 15.04 9.94 8.11
N GLN A 34 16.28 10.41 8.26
CA GLN A 34 16.61 11.30 9.37
C GLN A 34 16.02 12.68 9.15
N THR A 35 16.20 13.24 7.96
CA THR A 35 15.74 14.60 7.67
C THR A 35 14.24 14.65 7.37
N GLY A 36 13.73 13.58 6.76
CA GLY A 36 12.36 13.56 6.28
C GLY A 36 12.26 14.30 4.96
N ARG A 37 13.39 14.67 4.39
CA ARG A 37 13.40 15.47 3.17
C ARG A 37 13.88 14.61 2.00
N ASP A 38 13.03 14.47 0.99
CA ASP A 38 13.30 13.55 -0.14
C ASP A 38 13.14 14.30 -1.46
N LYS A 39 14.20 14.47 -2.19
CA LYS A 39 14.15 15.27 -3.40
C LYS A 39 13.24 14.72 -4.44
N ASN A 40 13.03 13.43 -4.36
CA ASN A 40 12.24 12.76 -5.35
C ASN A 40 10.74 13.05 -5.45
N GLN A 41 10.37 13.42 -6.64
CA GLN A 41 9.00 13.65 -7.02
C GLN A 41 8.29 12.30 -6.95
N VAL A 42 7.04 12.27 -6.54
CA VAL A 42 6.31 11.00 -6.48
C VAL A 42 5.58 10.78 -7.81
N GLU A 43 5.61 9.52 -8.27
CA GLU A 43 4.90 9.08 -9.47
C GLU A 43 4.11 7.85 -9.09
N GLY A 44 2.98 7.65 -9.75
CA GLY A 44 2.29 6.38 -9.66
C GLY A 44 1.30 6.29 -8.52
N GLU A 45 0.52 5.21 -8.52
CA GLU A 45 -0.57 5.06 -7.56
C GLU A 45 -0.10 4.34 -6.30
N VAL A 46 0.90 3.47 -6.45
CA VAL A 46 1.40 2.64 -5.35
C VAL A 46 2.87 2.92 -5.11
N GLN A 47 3.20 3.25 -3.86
CA GLN A 47 4.60 3.47 -3.47
C GLN A 47 5.15 2.25 -2.72
N ILE A 48 6.39 1.92 -3.00
CA ILE A 48 7.14 0.99 -2.21
C ILE A 48 7.86 1.82 -1.18
N VAL A 49 7.56 1.57 0.10
CA VAL A 49 8.03 2.40 1.21
C VAL A 49 8.82 1.57 2.19
N SER A 50 9.65 2.23 2.99
CA SER A 50 10.60 1.52 3.82
C SER A 50 10.79 2.17 5.16
N THR A 51 10.97 1.35 6.18
CA THR A 51 11.54 1.81 7.43
C THR A 51 12.95 1.23 7.48
N ALA A 52 13.58 1.21 8.65
CA ALA A 52 15.01 0.92 8.68
C ALA A 52 15.38 -0.39 8.01
N THR A 53 14.60 -1.44 8.23
CA THR A 53 14.95 -2.76 7.71
C THR A 53 13.81 -3.45 6.96
N GLN A 54 12.65 -2.81 6.85
CA GLN A 54 11.48 -3.49 6.30
C GLN A 54 10.85 -2.67 5.20
N THR A 55 10.23 -3.32 4.21
CA THR A 55 9.52 -2.57 3.18
C THR A 55 8.11 -3.06 3.09
N PHE A 56 7.23 -2.19 2.65
CA PHE A 56 5.84 -2.54 2.47
C PHE A 56 5.33 -1.57 1.42
N LEU A 57 4.03 -1.43 1.27
CA LEU A 57 3.48 -0.63 0.18
C LEU A 57 2.53 0.44 0.67
N ALA A 58 2.27 1.43 -0.16
CA ALA A 58 1.34 2.48 0.20
C ALA A 58 0.56 2.85 -1.05
N THR A 59 -0.75 2.97 -0.92
CA THR A 59 -1.62 3.18 -2.03
C THR A 59 -2.38 4.51 -1.95
N SER A 60 -2.32 5.29 -3.02
CA SER A 60 -3.03 6.55 -3.04
C SER A 60 -4.48 6.36 -3.49
N ILE A 61 -5.44 6.70 -2.63
CA ILE A 61 -6.87 6.64 -2.98
C ILE A 61 -7.57 7.90 -2.50
N ASN A 62 -8.32 8.55 -3.39
CA ASN A 62 -9.03 9.75 -3.01
C ASN A 62 -8.14 10.84 -2.44
N GLY A 63 -6.94 11.00 -2.99
CA GLY A 63 -6.03 12.04 -2.55
C GLY A 63 -5.36 11.79 -1.20
N VAL A 64 -5.39 10.56 -0.72
CA VAL A 64 -4.71 10.20 0.51
C VAL A 64 -3.87 8.98 0.18
N LEU A 65 -2.62 9.03 0.62
CA LEU A 65 -1.71 7.91 0.53
C LEU A 65 -1.88 7.05 1.77
N TRP A 66 -2.46 5.89 1.56
CA TRP A 66 -2.77 4.97 2.64
C TRP A 66 -1.77 3.85 2.79
N THR A 67 -1.54 3.44 4.03
CA THR A 67 -0.75 2.26 4.29
C THR A 67 -1.17 1.62 5.62
N VAL A 68 -0.45 0.57 6.01
CA VAL A 68 -0.74 -0.11 7.26
C VAL A 68 0.04 0.45 8.46
N TYR A 69 -0.66 0.54 9.59
CA TYR A 69 -0.01 0.98 10.81
C TYR A 69 1.14 0.05 11.20
N HIS A 70 1.00 -1.26 10.98
CA HIS A 70 2.02 -2.18 11.47
C HIS A 70 3.31 -2.03 10.69
N GLY A 71 3.26 -1.35 9.52
CA GLY A 71 4.43 -0.89 8.82
C GLY A 71 4.88 0.54 9.18
N ALA A 72 3.99 1.51 9.10
CA ALA A 72 4.40 2.90 9.23
C ALA A 72 4.57 3.36 10.66
N GLY A 73 3.90 2.70 11.60
CA GLY A 73 3.86 3.19 12.97
C GLY A 73 3.22 4.56 12.97
N THR A 74 3.68 5.47 13.81
CA THR A 74 3.18 6.84 13.82
C THR A 74 4.09 7.79 12.98
N ARG A 75 4.94 7.17 12.21
CA ARG A 75 5.92 7.90 11.48
C ARG A 75 5.40 8.93 10.47
N THR A 76 6.22 9.91 10.22
CA THR A 76 5.98 10.88 9.20
C THR A 76 6.52 10.21 7.94
N ILE A 77 6.21 10.76 6.76
CA ILE A 77 6.76 10.27 5.50
C ILE A 77 7.63 11.36 4.89
N ALA A 78 8.75 10.98 4.33
CA ALA A 78 9.69 11.94 3.77
C ALA A 78 9.14 12.45 2.43
N SER A 79 9.30 13.74 2.19
CA SER A 79 8.77 14.33 0.98
C SER A 79 9.67 15.45 0.55
N PRO A 80 9.42 15.99 -0.63
CA PRO A 80 10.32 17.07 -1.07
C PRO A 80 10.16 18.35 -0.26
N LYS A 81 9.08 18.47 0.50
CA LYS A 81 8.87 19.62 1.38
C LYS A 81 9.18 19.31 2.84
N GLY A 82 9.80 18.17 3.11
CA GLY A 82 10.14 17.84 4.48
C GLY A 82 9.17 16.80 5.02
N PRO A 83 9.31 16.46 6.30
CA PRO A 83 8.52 15.35 6.83
C PRO A 83 7.06 15.70 6.88
N VAL A 84 6.22 14.81 6.37
CA VAL A 84 4.78 14.98 6.38
C VAL A 84 4.17 14.14 7.50
N THR A 85 3.48 14.81 8.42
CA THR A 85 2.79 14.16 9.52
C THR A 85 1.57 13.41 9.03
N GLN A 86 1.25 12.30 9.68
CA GLN A 86 0.09 11.53 9.28
C GLN A 86 -1.17 12.37 9.40
N MET A 87 -2.02 12.20 8.41
CA MET A 87 -3.29 12.84 8.33
C MET A 87 -4.27 11.97 9.09
N TYR A 88 -4.19 10.66 8.87
CA TYR A 88 -5.04 9.70 9.58
C TYR A 88 -4.25 8.58 10.23
N THR A 89 -4.71 8.19 11.42
CA THR A 89 -4.13 7.07 12.16
C THR A 89 -5.26 6.36 12.86
N ASN A 90 -5.37 5.05 12.67
CA ASN A 90 -6.35 4.22 13.35
C ASN A 90 -5.76 2.85 13.61
N VAL A 91 -5.33 2.70 14.84
CA VAL A 91 -4.65 1.48 15.26
C VAL A 91 -5.50 0.24 15.19
N ASP A 92 -6.77 0.37 15.56
CA ASP A 92 -7.69 -0.75 15.46
C ASP A 92 -7.88 -1.23 14.02
N LYS A 93 -7.88 -0.34 13.04
CA LYS A 93 -8.03 -0.78 11.65
C LYS A 93 -6.68 -1.11 10.99
N ASP A 94 -5.60 -0.85 11.71
CA ASP A 94 -4.26 -1.00 11.13
C ASP A 94 -4.03 -0.04 9.96
N LEU A 95 -4.57 1.16 10.08
CA LEU A 95 -4.55 2.13 9.02
C LEU A 95 -3.86 3.43 9.27
N VAL A 96 -3.05 3.86 8.33
CA VAL A 96 -2.55 5.22 8.39
C VAL A 96 -2.69 5.86 7.02
N GLY A 97 -2.89 7.17 7.03
CA GLY A 97 -2.99 7.96 5.81
C GLY A 97 -2.22 9.26 5.87
N TRP A 98 -1.62 9.63 4.75
CA TRP A 98 -1.00 10.93 4.57
C TRP A 98 -1.65 11.61 3.38
N GLN A 99 -1.61 12.94 3.35
CA GLN A 99 -2.08 13.62 2.14
C GLN A 99 -1.29 13.14 0.93
N ALA A 100 -2.00 12.83 -0.14
CA ALA A 100 -1.37 12.22 -1.29
C ALA A 100 -0.31 13.18 -1.84
N PRO A 101 0.86 12.63 -2.05
CA PRO A 101 2.02 13.34 -2.55
C PRO A 101 1.82 13.88 -3.91
N GLN A 102 2.55 14.93 -4.16
CA GLN A 102 2.59 15.60 -5.45
C GLN A 102 3.71 14.91 -6.25
N GLY A 103 3.46 14.33 -7.40
CA GLY A 103 2.20 14.21 -8.09
C GLY A 103 1.83 12.79 -8.34
N SER A 104 1.29 12.21 -7.31
CA SER A 104 0.81 10.89 -7.42
C SER A 104 -0.52 11.03 -8.20
N ARG A 105 -0.90 9.94 -8.75
CA ARG A 105 -2.15 9.79 -9.39
C ARG A 105 -2.80 9.01 -8.31
N SER A 106 -4.07 9.24 -8.12
CA SER A 106 -4.85 8.56 -7.12
C SER A 106 -5.89 7.59 -7.71
N LEU A 107 -6.06 6.44 -7.09
CA LEU A 107 -7.04 5.48 -7.50
C LEU A 107 -8.43 5.94 -7.06
N THR A 108 -9.44 5.48 -7.77
CA THR A 108 -10.82 5.80 -7.47
C THR A 108 -11.44 4.65 -6.69
N PRO A 109 -12.15 4.97 -5.64
CA PRO A 109 -12.84 3.91 -4.92
C PRO A 109 -13.81 3.19 -5.83
N CYS A 110 -13.81 1.90 -5.74
CA CYS A 110 -14.67 1.11 -6.55
C CYS A 110 -16.13 1.14 -6.09
N THR A 111 -17.03 1.39 -6.99
CA THR A 111 -18.46 1.21 -6.66
C THR A 111 -19.11 0.20 -7.61
N CYS A 112 -18.35 -0.74 -8.12
CA CYS A 112 -18.79 -1.81 -9.02
C CYS A 112 -19.52 -2.94 -8.36
N GLY A 113 -19.05 -3.29 -7.19
CA GLY A 113 -19.61 -4.44 -6.52
C GLY A 113 -19.13 -5.75 -7.10
N SER A 114 -18.05 -5.72 -7.85
CA SER A 114 -17.54 -6.92 -8.45
C SER A 114 -17.06 -7.84 -7.37
N SER A 115 -17.19 -9.13 -7.58
CA SER A 115 -16.59 -10.13 -6.69
C SER A 115 -15.21 -10.61 -7.20
N ASP A 116 -14.85 -10.20 -8.41
CA ASP A 116 -13.54 -10.53 -8.96
C ASP A 116 -12.54 -9.43 -8.72
N LEU A 117 -11.61 -9.72 -7.83
CA LEU A 117 -10.60 -8.75 -7.40
C LEU A 117 -9.22 -9.19 -7.82
N TYR A 118 -8.28 -8.26 -7.69
CA TYR A 118 -6.89 -8.50 -8.04
C TYR A 118 -6.05 -7.87 -6.96
N LEU A 119 -5.08 -8.60 -6.44
CA LEU A 119 -4.20 -8.06 -5.43
C LEU A 119 -2.91 -7.76 -6.13
N VAL A 120 -2.37 -6.58 -5.86
CA VAL A 120 -1.13 -6.11 -6.48
C VAL A 120 -0.02 -6.26 -5.43
N THR A 121 1.02 -7.02 -5.76
CA THR A 121 2.09 -7.29 -4.81
C THR A 121 3.24 -6.32 -4.99
N ARG A 122 4.24 -6.43 -4.13
CA ARG A 122 5.35 -5.52 -4.14
C ARG A 122 6.20 -5.75 -5.38
N HIS A 123 6.08 -6.90 -6.00
CA HIS A 123 6.78 -7.17 -7.27
C HIS A 123 5.94 -6.78 -8.51
N ALA A 124 4.81 -6.21 -8.26
CA ALA A 124 3.84 -5.83 -9.29
C ALA A 124 3.21 -7.03 -9.94
N ASP A 125 3.18 -8.16 -9.23
CA ASP A 125 2.31 -9.24 -9.68
C ASP A 125 0.87 -8.83 -9.38
N VAL A 126 -0.04 -9.29 -10.24
CA VAL A 126 -1.46 -9.00 -10.12
C VAL A 126 -2.19 -10.34 -10.02
N ILE A 127 -2.65 -10.68 -8.81
CA ILE A 127 -3.12 -12.02 -8.57
C ILE A 127 -4.61 -12.02 -8.27
N PRO A 128 -5.34 -12.98 -8.83
CA PRO A 128 -6.79 -12.95 -8.68
C PRO A 128 -7.24 -13.36 -7.29
N VAL A 129 -8.24 -12.64 -6.79
CA VAL A 129 -8.83 -12.90 -5.47
C VAL A 129 -10.32 -12.88 -5.64
N ARG A 130 -11.01 -13.86 -5.07
CA ARG A 130 -12.46 -13.89 -5.12
C ARG A 130 -12.98 -13.25 -3.84
N ARG A 131 -13.75 -12.18 -3.96
CA ARG A 131 -14.28 -11.56 -2.73
C ARG A 131 -15.16 -12.56 -2.00
N ARG A 132 -15.02 -12.61 -0.68
CA ARG A 132 -15.81 -13.51 0.17
C ARG A 132 -16.69 -12.76 1.17
N GLY A 133 -16.10 -11.81 1.88
CA GLY A 133 -16.81 -10.98 2.85
C GLY A 133 -16.51 -9.52 2.64
N ASP A 134 -16.89 -8.68 3.61
CA ASP A 134 -16.62 -7.24 3.52
C ASP A 134 -15.13 -6.96 3.45
N SER A 135 -14.34 -7.78 4.14
CA SER A 135 -12.92 -7.51 4.27
C SER A 135 -12.04 -8.72 3.97
N THR A 136 -12.59 -9.74 3.31
CA THR A 136 -11.81 -10.92 2.93
C THR A 136 -12.03 -11.35 1.48
N GLY A 137 -11.01 -12.02 0.97
CA GLY A 137 -11.08 -12.58 -0.36
C GLY A 137 -10.22 -13.81 -0.44
N SER A 138 -10.67 -14.81 -1.20
CA SER A 138 -9.94 -16.06 -1.30
C SER A 138 -8.95 -16.00 -2.47
N LEU A 139 -7.77 -16.54 -2.25
CA LEU A 139 -6.78 -16.67 -3.31
C LEU A 139 -7.15 -17.83 -4.19
N LEU A 140 -7.02 -17.68 -5.50
CA LEU A 140 -7.35 -18.78 -6.38
C LEU A 140 -6.31 -19.87 -6.26
N SER A 141 -5.09 -19.48 -5.99
CA SER A 141 -3.98 -20.37 -5.70
C SER A 141 -3.36 -19.98 -4.36
N PRO A 142 -3.32 -20.90 -3.38
CA PRO A 142 -2.66 -20.57 -2.11
C PRO A 142 -1.23 -20.16 -2.34
N ARG A 143 -0.73 -19.31 -1.46
CA ARG A 143 0.62 -18.80 -1.57
C ARG A 143 1.32 -18.98 -0.27
N PRO A 144 2.63 -19.26 -0.30
CA PRO A 144 3.39 -19.21 0.95
C PRO A 144 3.43 -17.80 1.48
N LEU A 145 3.53 -17.63 2.80
CA LEU A 145 3.51 -16.29 3.39
C LEU A 145 4.63 -15.45 2.81
N SER A 146 5.77 -16.09 2.56
CA SER A 146 6.95 -15.37 2.10
C SER A 146 6.66 -14.60 0.84
N TYR A 147 5.73 -15.12 0.04
CA TYR A 147 5.40 -14.47 -1.21
C TYR A 147 4.60 -13.16 -1.01
N LEU A 148 3.78 -13.09 0.04
CA LEU A 148 2.91 -11.92 0.25
C LEU A 148 3.54 -10.91 1.20
N LYS A 149 4.52 -11.37 1.98
CA LYS A 149 5.25 -10.51 2.91
C LYS A 149 5.81 -9.28 2.17
N GLY A 150 5.55 -8.11 2.76
CA GLY A 150 6.03 -6.85 2.24
C GLY A 150 5.07 -6.24 1.22
N SER A 151 3.93 -6.91 0.99
CA SER A 151 2.90 -6.34 0.08
C SER A 151 1.74 -5.68 0.82
N SER A 152 1.75 -5.69 2.15
CA SER A 152 0.71 -4.99 2.91
C SER A 152 0.75 -3.53 2.53
N GLY A 153 -0.42 -2.92 2.50
CA GLY A 153 -0.54 -1.53 2.11
C GLY A 153 -0.85 -1.40 0.64
N GLY A 154 -0.79 -2.51 -0.09
CA GLY A 154 -1.03 -2.54 -1.53
C GLY A 154 -2.50 -2.65 -1.84
N PRO A 155 -2.87 -2.46 -3.07
CA PRO A 155 -4.27 -2.44 -3.38
C PRO A 155 -4.90 -3.74 -3.79
N LEU A 156 -6.17 -3.86 -3.49
CA LEU A 156 -7.02 -4.88 -4.06
C LEU A 156 -7.82 -4.06 -5.07
N LEU A 157 -7.81 -4.48 -6.33
CA LEU A 157 -8.49 -3.77 -7.41
C LEU A 157 -9.66 -4.58 -7.97
N CYS A 158 -10.68 -3.91 -8.48
CA CYS A 158 -11.73 -4.56 -9.26
C CYS A 158 -11.25 -4.71 -10.74
N PRO A 159 -12.06 -5.36 -11.60
CA PRO A 159 -11.65 -5.55 -13.00
C PRO A 159 -11.40 -4.23 -13.73
N ALA A 160 -12.02 -3.15 -13.30
CA ALA A 160 -11.87 -1.87 -13.95
C ALA A 160 -10.70 -1.07 -13.41
N GLY A 161 -10.01 -1.59 -12.40
CA GLY A 161 -8.84 -0.89 -11.86
C GLY A 161 -9.11 0.15 -10.79
N HIS A 162 -10.33 0.14 -10.25
CA HIS A 162 -10.66 0.91 -9.06
C HIS A 162 -10.17 0.20 -7.79
N ALA A 163 -9.90 0.99 -6.74
CA ALA A 163 -9.56 0.40 -5.43
C ALA A 163 -10.76 -0.17 -4.66
N VAL A 164 -10.68 -1.44 -4.33
CA VAL A 164 -11.65 -2.10 -3.48
C VAL A 164 -11.18 -2.11 -2.02
N GLY A 165 -9.88 -2.07 -1.81
CA GLY A 165 -9.31 -2.09 -0.46
C GLY A 165 -7.79 -2.07 -0.40
N ILE A 166 -7.27 -2.17 0.81
CA ILE A 166 -5.86 -2.13 1.12
C ILE A 166 -5.54 -3.43 1.82
N PHE A 167 -4.55 -4.16 1.30
CA PHE A 167 -4.13 -5.44 1.87
C PHE A 167 -3.62 -5.24 3.31
N ARG A 168 -4.21 -5.96 4.26
CA ARG A 168 -3.86 -5.78 5.67
C ARG A 168 -3.14 -6.99 6.25
N ALA A 169 -3.71 -8.16 6.02
CA ALA A 169 -3.26 -9.38 6.66
C ALA A 169 -3.56 -10.61 5.79
N ALA A 170 -2.71 -11.61 5.90
CA ALA A 170 -2.92 -12.87 5.21
C ALA A 170 -3.74 -13.80 6.10
N VAL A 171 -4.77 -14.42 5.53
CA VAL A 171 -5.49 -15.47 6.24
C VAL A 171 -4.71 -16.76 6.01
N CYS A 172 -4.01 -17.22 7.02
CA CYS A 172 -3.19 -18.35 6.83
C CYS A 172 -3.22 -19.50 7.82
N THR A 173 -2.71 -20.62 7.34
CA THR A 173 -2.63 -21.83 8.15
C THR A 173 -1.26 -22.41 7.91
N ARG A 174 -0.54 -22.73 8.97
CA ARG A 174 0.79 -23.32 8.84
C ARG A 174 1.63 -22.65 7.73
N GLY A 175 1.71 -21.32 7.74
CA GLY A 175 2.53 -20.59 6.80
C GLY A 175 2.06 -20.51 5.34
N VAL A 176 0.80 -20.86 5.09
CA VAL A 176 0.24 -20.81 3.75
C VAL A 176 -1.00 -19.95 3.79
N ALA A 177 -1.04 -18.94 2.92
CA ALA A 177 -2.20 -18.06 2.82
C ALA A 177 -3.19 -18.62 1.81
N LYS A 178 -4.42 -18.86 2.28
CA LYS A 178 -5.50 -19.27 1.42
C LYS A 178 -6.38 -18.09 1.05
N ALA A 179 -6.21 -16.98 1.74
CA ALA A 179 -7.06 -15.81 1.54
C ALA A 179 -6.36 -14.59 2.06
N VAL A 180 -6.88 -13.42 1.71
CA VAL A 180 -6.32 -12.16 2.16
C VAL A 180 -7.41 -11.37 2.83
N GLN A 181 -6.99 -10.58 3.80
CA GLN A 181 -7.86 -9.74 4.61
C GLN A 181 -7.42 -8.29 4.34
N PHE A 182 -8.37 -7.41 4.14
CA PHE A 182 -8.05 -6.08 3.67
C PHE A 182 -8.95 -5.06 4.31
N ILE A 183 -8.52 -3.81 4.25
CA ILE A 183 -9.31 -2.68 4.68
C ILE A 183 -10.18 -2.22 3.51
N PRO A 184 -11.50 -2.42 3.61
CA PRO A 184 -12.32 -2.05 2.45
C PRO A 184 -12.35 -0.54 2.24
N VAL A 185 -12.52 -0.15 0.99
CA VAL A 185 -12.37 1.24 0.65
C VAL A 185 -13.47 2.05 1.37
N GLU A 186 -14.58 1.39 1.71
CA GLU A 186 -15.65 2.05 2.48
C GLU A 186 -15.20 2.44 3.90
N SER A 187 -14.34 1.62 4.48
CA SER A 187 -13.78 1.89 5.79
C SER A 187 -12.83 3.08 5.72
N LEU A 188 -12.02 3.14 4.67
CA LEU A 188 -11.20 4.33 4.38
C LEU A 188 -12.04 5.59 4.28
N GLU A 189 -13.12 5.50 3.53
CA GLU A 189 -13.94 6.67 3.29
C GLU A 189 -14.58 7.07 4.60
N THR A 190 -14.89 6.09 5.43
CA THR A 190 -15.44 6.38 6.75
C THR A 190 -14.38 7.09 7.60
N THR A 191 -13.15 6.59 7.55
CA THR A 191 -12.10 7.24 8.34
C THR A 191 -11.97 8.72 7.90
N MET A 192 -12.14 8.99 6.61
CA MET A 192 -12.13 10.38 6.15
C MET A 192 -13.42 11.07 6.65
C1 2R9 B . -0.13 -8.66 9.33
C2 2R9 B . 0.48 -7.95 10.51
C3 2R9 B . -0.48 -8.32 11.68
C7 2R9 B . 0.79 -8.90 8.24
C10 2R9 B . -2.15 -6.75 12.17
C12 2R9 B . -1.52 -4.85 13.41
C13 2R9 B . -2.84 -4.43 13.44
C14 2R9 B . -3.83 -5.21 12.85
C15 2R9 B . -3.48 -6.37 12.20
C16 2R9 B . 1.24 -8.69 5.74
C19 2R9 B . 2.52 -8.03 5.46
C20 2R9 B . 1.52 -10.99 4.52
C21 2R9 B . 2.51 -12.01 5.01
N23 2R9 B . 3.08 -7.30 6.42
C27 2R9 B . 5.08 -5.54 7.48
C30 2R9 B . -5.17 -4.79 12.89
C31 2R9 B . -6.13 -5.56 12.26
C32 2R9 B . -5.77 -6.71 11.60
C33 2R9 B . -4.45 -7.15 11.56
C34 2R9 B . -0.88 -11.05 9.36
C4 2R9 B . -0.42 -9.78 11.49
N5 2R9 B . -0.54 -9.93 10.00
O6 2R9 B . -1.86 -7.89 11.54
O8 2R9 B . 1.77 -9.66 8.38
N9 2R9 B . 0.51 -8.35 7.03
N11 2R9 B . -1.19 -6.01 12.76
C17 2R9 B . 1.01 -9.96 5.39
C18 2R9 B . 0.33 -8.95 4.77
O22 2R9 B . 3.08 -8.23 4.38
S24 2R9 B . 4.54 -6.63 5.99
O25 2R9 B . 5.58 -7.69 5.71
O26 2R9 B . 4.40 -5.72 4.80
C28 2R9 B . 6.02 -4.49 7.23
C29 2R9 B . 4.59 -4.16 7.38
O35 2R9 B . -0.95 -11.09 8.15
C36 2R9 B . -1.22 -12.31 10.18
C37 2R9 B . -0.17 -13.40 10.01
C38 2R9 B . -0.58 -14.65 10.81
C39 2R9 B . 0.05 -13.79 8.53
C40 2R9 B . 1.15 -12.89 10.57
N41 2R9 B . -2.54 -12.74 9.70
C42 2R9 B . -3.66 -12.50 10.39
O43 2R9 B . -3.61 -11.93 11.49
O44 2R9 B . -4.82 -12.90 9.87
C45 2R9 B . -6.06 -12.58 10.49
C46 2R9 B . -6.14 -13.20 11.88
C47 2R9 B . -6.27 -11.05 10.57
C48 2R9 B . -7.16 -13.16 9.62
O49 2R9 B . -3.24 -3.27 14.04
C50 2R9 B . -2.22 -2.34 14.37
CL1 2R9 B . -6.99 -7.65 10.84
H1 2R9 B . -1.04 -8.14 9.02
H2 2R9 B . 0.62 -6.88 10.34
H3 2R9 B . 1.43 -8.42 10.75
H4 2R9 B . -0.13 -8.02 12.67
H5 2R9 B . -0.75 -4.25 13.89
H6 2R9 B . 1.16 -11.04 3.49
H7 2R9 B . 2.85 -12.78 4.30
H8 2R9 B . 2.85 -11.95 6.04
H9 2R9 B . 2.68 -7.12 7.32
H10 2R9 B . 5.07 -6.02 8.47
H11 2R9 B . -5.44 -3.85 13.38
H12 2R9 B . -7.17 -5.24 12.27
H13 2R9 B . -4.18 -8.07 11.05
H14 2R9 B . -1.17 -10.34 12.06
H15 2R9 B . 0.57 -10.12 11.76
H16 2R9 B . -0.33 -7.82 6.95
H17 2R9 B . 0.43 -10.49 6.14
H18 2R9 B . -0.73 -8.83 5.03
H19 2R9 B . 0.58 -8.71 3.74
H20 2R9 B . 6.46 -4.44 6.24
H21 2R9 B . 6.70 -4.21 8.04
H22 2R9 B . 4.02 -3.82 6.65
H23 2R9 B . 4.32 -3.69 8.32
H24 2R9 B . -1.30 -12.04 11.24
H25 2R9 B . 0.19 -15.42 10.71
H26 2R9 B . -1.52 -15.03 10.42
H27 2R9 B . -0.71 -14.39 11.86
H28 2R9 B . 0.36 -12.91 7.96
H29 2R9 B . -0.89 -14.17 8.12
H30 2R9 B . 0.82 -14.57 8.46
H31 2R9 B . 1.02 -12.64 11.62
H32 2R9 B . 1.45 -12.01 10.02
H33 2R9 B . 1.91 -13.66 10.47
H34 2R9 B . -2.58 -13.19 8.82
H35 2R9 B . -7.11 -12.98 12.32
H36 2R9 B . -5.35 -12.80 12.51
H37 2R9 B . -6.02 -14.29 11.80
H38 2R9 B . -6.24 -10.63 9.56
H39 2R9 B . -5.49 -10.60 11.18
H40 2R9 B . -7.24 -10.85 11.02
H41 2R9 B . -7.11 -12.71 8.62
H42 2R9 B . -8.14 -12.93 10.06
H43 2R9 B . -7.04 -14.24 9.55
H44 2R9 B . -1.79 -2.12 13.39
H45 2R9 B . -1.39 -2.72 14.89
H46 2R9 B . -2.54 -1.38 14.67
ZN ZN C . -14.95 -1.25 -9.66
#